data_5JQB
#
_entry.id   5JQB
#
_cell.length_a   113.760
_cell.length_b   113.760
_cell.length_c   306.150
_cell.angle_alpha   90.00
_cell.angle_beta   90.00
_cell.angle_gamma   120.00
#
_symmetry.space_group_name_H-M   'H 3 2'
#
loop_
_entity.id
_entity.type
_entity.pdbx_description
1 polymer 'Envelope glycoprotein 1,Envelope glycoprotein 1,Envelope glycoprotein 1'
2 polymer 'Envelope glycoprotein 2'
3 branched beta-D-mannopyranose-(1-4)-2-acetamido-2-deoxy-beta-D-glucopyranose-(1-4)-2-acetamido-2-deoxy-beta-D-glucopyranose
4 non-polymer 2-acetamido-2-deoxy-beta-D-glucopyranose
5 non-polymer GLYCEROL
6 non-polymer IBUPROFEN
7 water water
#
loop_
_entity_poly.entity_id
_entity_poly.type
_entity_poly.pdbx_seq_one_letter_code
_entity_poly.pdbx_strand_id
1 'polypeptide(L)'
;ETGRSIPLGVIHNSALQVSDVDKLVCRDKLSSTNQLRSVGLNLEGNGVATDVPSATKRWGFRSGVPPKVVNYEAGEWAEN
CYNLEIKKPDGSECLPAAPDGIRGFPRCRYVHKVSGTGPCAGDFAFHKEGAFFLYDRLASTVIYRGTTFAEGVVAFLILP
QAKKDFFSSHPLREPVNATEDPSSGYYSTTIRYQATGFGTNETEYLFEVDNLTYVQLESRFTPQFLLQLNETIYTSGKRS
NTTGKLIWKVNPEIDTTIGEWAFWETKKNLTRKIRSEELSFTVVSTHHQDTGEESASSGKLGLITNTIAGVAGLITGGRR
TRR(UNK)(UNK)(UNK)(UNK)(UNK)(UNK)(UNK)
;
A
2 'polypeptide(L)'
;EAIVNAQPKCNPNLHYWTTQDEGAAIGLAWIPYFGPAAEGIYIEGLMHNQDGLICGLRQLANETTQALQLFLRATTELRT
FSILNRKAIDFLLQRWGGTCHILGPDCCIEPHDWTKNITDKIDQIIHDFVDGSGYIPEAPRDGQAYVRKDGEWVLLSTFL
GTHHHHHH
;
B
#
# COMPACT_ATOMS: atom_id res chain seq x y z
N SER A 5 14.61 -1.66 15.62
CA SER A 5 14.10 -2.90 14.97
C SER A 5 12.83 -2.60 14.17
N ILE A 6 12.51 -3.45 13.21
CA ILE A 6 11.26 -3.31 12.47
C ILE A 6 10.09 -3.63 13.41
N PRO A 7 9.16 -2.69 13.59
CA PRO A 7 8.01 -2.94 14.45
C PRO A 7 7.13 -4.09 13.99
N LEU A 8 6.48 -4.73 14.95
CA LEU A 8 5.60 -5.84 14.68
C LEU A 8 4.31 -5.66 15.46
N GLY A 9 3.20 -5.49 14.73
CA GLY A 9 1.89 -5.30 15.34
C GLY A 9 1.35 -6.57 15.97
N VAL A 10 0.57 -6.42 17.04
CA VAL A 10 -0.06 -7.54 17.72
C VAL A 10 -1.32 -7.05 18.45
N ILE A 11 -2.31 -7.92 18.58
CA ILE A 11 -3.60 -7.56 19.18
C ILE A 11 -3.66 -7.98 20.65
N HIS A 12 -3.64 -6.99 21.54
CA HIS A 12 -3.69 -7.17 22.99
C HIS A 12 -4.73 -6.19 23.57
N ASN A 13 -5.57 -6.69 24.48
CA ASN A 13 -6.64 -5.90 25.13
C ASN A 13 -7.55 -5.18 24.14
N SER A 14 -8.01 -5.92 23.13
CA SER A 14 -8.90 -5.39 22.09
C SER A 14 -8.32 -4.13 21.43
N ALA A 15 -7.02 -4.16 21.14
CA ALA A 15 -6.33 -3.03 20.53
C ALA A 15 -5.05 -3.46 19.82
N LEU A 16 -4.72 -2.81 18.70
CA LEU A 16 -3.45 -3.06 18.06
C LEU A 16 -2.37 -2.35 18.87
N GLN A 17 -1.23 -3.03 19.02
CA GLN A 17 -0.07 -2.50 19.74
C GLN A 17 1.21 -2.79 18.99
N VAL A 18 2.18 -1.88 19.09
CA VAL A 18 3.54 -2.14 18.60
C VAL A 18 4.24 -2.95 19.66
N SER A 19 4.93 -3.99 19.23
CA SER A 19 5.95 -4.61 20.06
C SER A 19 6.96 -5.25 19.11
N ASP A 20 7.62 -6.31 19.56
CA ASP A 20 8.45 -7.12 18.70
C ASP A 20 8.50 -8.49 19.35
N VAL A 21 9.12 -9.43 18.64
CA VAL A 21 9.38 -10.78 19.15
C VAL A 21 10.13 -10.81 20.50
N ASP A 22 10.96 -9.81 20.76
CA ASP A 22 11.67 -9.67 22.05
C ASP A 22 10.78 -9.21 23.22
N LYS A 23 9.75 -8.43 22.93
CA LYS A 23 8.90 -7.83 23.97
C LYS A 23 7.67 -8.67 24.36
N LEU A 24 7.49 -9.85 23.76
CA LEU A 24 6.31 -10.67 24.06
C LEU A 24 6.41 -11.44 25.39
N VAL A 25 5.25 -11.86 25.88
CA VAL A 25 5.13 -12.72 27.06
C VAL A 25 4.64 -14.10 26.63
N CYS A 26 4.92 -15.11 27.46
CA CYS A 26 4.61 -16.50 27.14
C CYS A 26 3.16 -16.79 26.71
N ARG A 27 2.22 -16.01 27.22
CA ARG A 27 0.81 -16.10 26.81
C ARG A 27 0.62 -15.87 25.30
N ASP A 28 1.43 -14.98 24.72
CA ASP A 28 1.40 -14.74 23.26
C ASP A 28 1.88 -15.98 22.50
N LYS A 29 1.08 -16.43 21.55
CA LYS A 29 1.31 -17.70 20.86
C LYS A 29 1.50 -17.50 19.34
N LEU A 30 2.67 -17.90 18.84
CA LEU A 30 2.96 -17.95 17.41
C LEU A 30 3.14 -19.42 17.03
N SER A 31 2.06 -20.08 16.63
CA SER A 31 2.07 -21.50 16.36
C SER A 31 2.29 -21.86 14.88
N SER A 32 2.41 -20.84 14.03
CA SER A 32 2.57 -21.05 12.59
C SER A 32 2.98 -19.77 11.89
N THR A 33 3.75 -19.89 10.80
CA THR A 33 4.10 -18.74 9.96
C THR A 33 2.88 -18.08 9.27
N ASN A 34 1.78 -18.82 9.11
CA ASN A 34 0.49 -18.25 8.67
C ASN A 34 0.01 -17.06 9.49
N GLN A 35 0.30 -17.06 10.78
CA GLN A 35 -0.06 -15.95 11.66
C GLN A 35 0.69 -14.66 11.33
N LEU A 36 1.84 -14.76 10.67
CA LEU A 36 2.62 -13.60 10.25
C LEU A 36 2.07 -13.02 8.94
N ARG A 37 1.90 -11.70 8.90
CA ARG A 37 1.39 -11.01 7.71
C ARG A 37 2.10 -9.69 7.47
N SER A 38 2.35 -9.39 6.20
CA SER A 38 2.73 -8.06 5.78
C SER A 38 1.56 -7.47 4.99
N VAL A 39 1.20 -6.23 5.32
CA VAL A 39 0.10 -5.55 4.64
C VAL A 39 0.59 -4.20 4.11
N GLY A 40 0.20 -3.87 2.88
CA GLY A 40 0.44 -2.56 2.29
C GLY A 40 -0.78 -1.67 2.49
N LEU A 41 -0.56 -0.46 3.01
CA LEU A 41 -1.63 0.51 3.24
C LEU A 41 -1.38 1.75 2.38
N ASN A 42 -2.44 2.30 1.79
CA ASN A 42 -2.31 3.38 0.82
C ASN A 42 -2.37 4.74 1.51
N LEU A 43 -1.49 5.66 1.11
CA LEU A 43 -1.46 7.02 1.66
C LEU A 43 -2.80 7.76 1.55
N GLU A 44 -3.52 7.52 0.45
CA GLU A 44 -4.96 7.81 0.35
C GLU A 44 -5.69 7.75 1.68
N GLY A 45 -5.61 6.59 2.34
CA GLY A 45 -6.33 6.33 3.57
C GLY A 45 -5.92 7.13 4.80
N ASN A 46 -4.79 7.83 4.69
CA ASN A 46 -4.33 8.78 5.69
C ASN A 46 -4.74 10.23 5.36
N GLY A 47 -5.46 10.43 4.25
CA GLY A 47 -6.00 11.74 3.86
C GLY A 47 -5.14 12.62 2.98
N VAL A 48 -4.12 12.06 2.34
CA VAL A 48 -3.25 12.89 1.48
C VAL A 48 -3.97 13.30 0.21
N ALA A 49 -3.52 14.41 -0.38
CA ALA A 49 -4.06 14.86 -1.67
C ALA A 49 -3.65 13.88 -2.77
N THR A 50 -4.63 13.42 -3.52
CA THR A 50 -4.43 12.39 -4.53
C THR A 50 -4.43 12.91 -5.98
N ASP A 51 -4.75 14.19 -6.17
CA ASP A 51 -4.68 14.82 -7.49
C ASP A 51 -3.25 14.80 -8.05
N VAL A 52 -3.13 14.69 -9.37
CA VAL A 52 -1.83 14.51 -10.02
C VAL A 52 -0.80 15.58 -9.65
N PRO A 53 -1.20 16.87 -9.65
CA PRO A 53 -0.26 17.93 -9.26
C PRO A 53 0.29 17.80 -7.85
N SER A 54 -0.58 17.49 -6.89
CA SER A 54 -0.16 17.35 -5.50
C SER A 54 0.64 16.07 -5.30
N ALA A 55 0.23 15.01 -6.00
CA ALA A 55 0.85 13.70 -5.87
C ALA A 55 2.27 13.68 -6.42
N THR A 56 2.46 14.27 -7.59
CA THR A 56 3.79 14.28 -8.22
C THR A 56 4.80 15.13 -7.46
N LYS A 57 4.34 16.18 -6.77
CA LYS A 57 5.23 16.99 -5.94
C LYS A 57 5.90 16.19 -4.79
N ARG A 58 5.33 15.05 -4.41
CA ARG A 58 5.94 14.14 -3.42
C ARG A 58 7.09 13.25 -3.95
N TRP A 59 7.34 13.26 -5.25
CA TRP A 59 8.38 12.40 -5.83
C TRP A 59 9.52 13.26 -6.35
N GLY A 60 10.70 12.65 -6.52
CA GLY A 60 11.88 13.39 -6.95
C GLY A 60 13.05 12.50 -7.32
N PHE A 61 13.91 13.00 -8.20
CA PHE A 61 15.04 12.24 -8.73
C PHE A 61 16.31 12.40 -7.89
N ARG A 62 17.09 11.33 -7.82
CA ARG A 62 18.27 11.28 -6.96
C ARG A 62 19.20 10.19 -7.45
N SER A 63 20.49 10.45 -7.42
CA SER A 63 21.51 9.49 -7.82
C SER A 63 22.30 9.01 -6.61
N GLY A 64 22.96 7.86 -6.77
CA GLY A 64 23.81 7.30 -5.73
C GLY A 64 23.15 6.36 -4.74
N VAL A 65 21.82 6.29 -4.74
CA VAL A 65 21.08 5.42 -3.83
C VAL A 65 20.57 4.21 -4.62
N PRO A 66 21.04 2.99 -4.27
CA PRO A 66 20.53 1.81 -4.99
C PRO A 66 19.07 1.50 -4.66
N PRO A 67 18.25 1.23 -5.71
CA PRO A 67 16.85 0.86 -5.40
C PRO A 67 16.72 -0.40 -4.53
N LYS A 68 15.62 -0.50 -3.79
CA LYS A 68 15.37 -1.65 -2.95
C LYS A 68 13.91 -2.06 -3.06
N VAL A 69 13.69 -3.36 -3.03
CA VAL A 69 12.38 -3.95 -3.14
C VAL A 69 12.14 -4.89 -1.95
N VAL A 70 10.95 -4.76 -1.36
CA VAL A 70 10.47 -5.66 -0.31
C VAL A 70 9.08 -6.11 -0.72
N ASN A 71 8.72 -7.34 -0.37
CA ASN A 71 7.40 -7.82 -0.75
C ASN A 71 6.40 -7.59 0.38
N TYR A 72 5.13 -7.60 0.01
CA TYR A 72 4.02 -7.54 0.96
C TYR A 72 2.90 -8.44 0.42
N GLU A 73 2.17 -9.12 1.30
CA GLU A 73 1.28 -10.23 0.93
C GLU A 73 -0.15 -9.83 0.63
N ALA A 74 -0.58 -8.69 1.17
CA ALA A 74 -1.95 -8.20 1.00
C ALA A 74 -1.95 -6.68 0.89
N GLY A 75 -2.89 -6.15 0.12
CA GLY A 75 -2.99 -4.70 -0.03
C GLY A 75 -4.40 -4.19 0.05
N GLU A 76 -4.52 -2.90 -0.21
CA GLU A 76 -5.78 -2.17 -0.10
C GLU A 76 -6.20 -1.73 -1.49
N TRP A 77 -7.50 -1.78 -1.77
CA TRP A 77 -8.04 -1.30 -3.04
C TRP A 77 -7.85 0.21 -3.06
N ALA A 78 -7.26 0.72 -4.13
CA ALA A 78 -6.98 2.16 -4.27
C ALA A 78 -8.05 2.84 -5.12
N GLU A 79 -8.37 4.09 -4.77
CA GLU A 79 -9.02 5.01 -5.73
C GLU A 79 -8.07 5.51 -6.80
N ASN A 80 -6.87 5.89 -6.38
CA ASN A 80 -5.94 6.59 -7.22
C ASN A 80 -4.64 5.79 -7.28
N CYS A 81 -4.22 5.51 -8.51
CA CYS A 81 -2.90 5.01 -8.80
C CYS A 81 -2.31 5.89 -9.89
N TYR A 82 -1.04 5.66 -10.21
CA TYR A 82 -0.32 6.48 -11.19
C TYR A 82 0.56 5.61 -12.06
N ASN A 83 0.74 6.04 -13.31
CA ASN A 83 1.52 5.31 -14.31
C ASN A 83 2.28 6.36 -15.13
N LEU A 84 3.61 6.38 -15.02
CA LEU A 84 4.44 7.47 -15.57
C LEU A 84 5.24 7.06 -16.81
N GLU A 85 5.12 7.87 -17.86
CA GLU A 85 5.96 7.78 -19.07
C GLU A 85 6.63 9.13 -19.24
N ILE A 86 7.77 9.31 -18.59
CA ILE A 86 8.49 10.58 -18.62
C ILE A 86 9.77 10.43 -19.44
N LYS A 87 10.05 11.41 -20.28
CA LYS A 87 11.29 11.48 -21.05
C LYS A 87 11.98 12.81 -20.81
N LYS A 88 13.27 12.88 -21.07
CA LYS A 88 13.98 14.16 -21.12
C LYS A 88 13.62 14.89 -22.43
N PRO A 89 13.89 16.21 -22.51
CA PRO A 89 13.79 16.94 -23.79
C PRO A 89 14.46 16.25 -24.98
N ASP A 90 15.62 15.62 -24.76
CA ASP A 90 16.30 14.84 -25.81
C ASP A 90 15.66 13.48 -26.18
N GLY A 91 14.52 13.13 -25.58
CA GLY A 91 13.80 11.89 -25.90
C GLY A 91 14.24 10.63 -25.17
N SER A 92 15.27 10.72 -24.33
CA SER A 92 15.73 9.57 -23.57
C SER A 92 14.83 9.33 -22.35
N GLU A 93 14.71 8.06 -21.96
CA GLU A 93 13.81 7.65 -20.88
C GLU A 93 14.29 8.10 -19.50
N CYS A 94 13.36 8.65 -18.72
CA CYS A 94 13.66 9.13 -17.36
C CYS A 94 13.55 8.03 -16.31
N LEU A 95 12.74 7.00 -16.55
CA LEU A 95 12.52 5.92 -15.58
C LEU A 95 12.95 4.57 -16.16
N PRO A 96 13.40 3.65 -15.29
CA PRO A 96 13.80 2.34 -15.75
C PRO A 96 12.60 1.47 -16.07
N ALA A 97 12.77 0.51 -16.97
CA ALA A 97 11.74 -0.49 -17.23
C ALA A 97 11.50 -1.31 -15.98
N ALA A 98 10.26 -1.75 -15.79
CA ALA A 98 9.91 -2.67 -14.70
C ALA A 98 10.83 -3.89 -14.71
N PRO A 99 11.52 -4.17 -13.59
CA PRO A 99 12.24 -5.44 -13.45
C PRO A 99 11.34 -6.66 -13.70
N ASP A 100 11.96 -7.80 -13.95
CA ASP A 100 11.20 -9.02 -14.19
C ASP A 100 10.32 -9.37 -12.99
N GLY A 101 9.03 -9.59 -13.21
CA GLY A 101 8.10 -9.98 -12.16
C GLY A 101 7.54 -8.86 -11.31
N ILE A 102 7.75 -7.60 -11.71
CA ILE A 102 7.13 -6.45 -11.06
C ILE A 102 6.00 -5.97 -11.96
N ARG A 103 4.78 -6.39 -11.64
CA ARG A 103 3.56 -5.96 -12.33
C ARG A 103 2.95 -4.82 -11.54
N GLY A 104 1.99 -4.12 -12.15
CA GLY A 104 1.34 -2.97 -11.51
C GLY A 104 0.38 -3.35 -10.40
N PHE A 105 0.09 -2.37 -9.55
CA PHE A 105 -0.82 -2.50 -8.42
C PHE A 105 -2.16 -3.06 -8.85
N PRO A 106 -2.67 -4.10 -8.19
CA PRO A 106 -3.77 -4.87 -8.78
C PRO A 106 -5.19 -4.28 -8.72
N ARG A 107 -5.44 -3.29 -7.85
CA ARG A 107 -6.78 -2.69 -7.70
C ARG A 107 -6.72 -1.17 -7.65
N CYS A 108 -7.05 -0.55 -8.77
CA CYS A 108 -7.11 0.91 -8.92
C CYS A 108 -8.43 1.31 -9.57
N ARG A 109 -9.19 2.17 -8.91
CA ARG A 109 -10.43 2.70 -9.50
C ARG A 109 -10.11 3.67 -10.64
N TYR A 110 -9.09 4.51 -10.42
CA TYR A 110 -8.61 5.44 -11.41
C TYR A 110 -7.10 5.31 -11.53
N VAL A 111 -6.61 5.04 -12.74
CA VAL A 111 -5.17 5.05 -13.01
C VAL A 111 -4.88 6.34 -13.71
N HIS A 112 -4.08 7.20 -13.08
CA HIS A 112 -3.68 8.48 -13.67
C HIS A 112 -2.42 8.28 -14.48
N LYS A 113 -2.58 8.10 -15.79
CA LYS A 113 -1.45 7.86 -16.67
C LYS A 113 -0.89 9.20 -17.16
N VAL A 114 0.27 9.58 -16.65
CA VAL A 114 0.92 10.84 -17.00
C VAL A 114 2.05 10.57 -18.00
N SER A 115 1.92 11.14 -19.19
CA SER A 115 2.98 11.13 -20.20
C SER A 115 3.54 12.55 -20.33
N GLY A 116 4.85 12.67 -20.53
CA GLY A 116 5.43 14.01 -20.60
C GLY A 116 6.93 14.10 -20.53
N THR A 117 7.41 15.31 -20.22
CA THR A 117 8.83 15.60 -20.20
C THR A 117 9.23 16.40 -18.95
N GLY A 118 10.52 16.30 -18.63
CA GLY A 118 11.12 17.05 -17.52
C GLY A 118 12.63 16.85 -17.49
N PRO A 119 13.34 17.64 -16.66
CA PRO A 119 14.79 17.50 -16.60
C PRO A 119 15.27 16.16 -16.03
N CYS A 120 14.58 15.63 -15.02
CA CYS A 120 14.91 14.33 -14.41
C CYS A 120 16.37 14.29 -13.97
N ALA A 121 16.72 15.16 -13.03
CA ALA A 121 18.09 15.26 -12.53
C ALA A 121 18.37 14.19 -11.48
N GLY A 122 18.55 12.95 -11.95
CA GLY A 122 18.88 11.83 -11.09
C GLY A 122 18.54 10.50 -11.74
N ASP A 123 19.25 9.45 -11.32
CA ASP A 123 19.13 8.12 -11.91
C ASP A 123 17.78 7.46 -11.65
N PHE A 124 17.25 7.63 -10.44
CA PHE A 124 15.99 7.02 -10.01
C PHE A 124 15.09 8.03 -9.32
N ALA A 125 13.78 7.78 -9.37
CA ALA A 125 12.79 8.64 -8.75
C ALA A 125 12.32 8.02 -7.42
N PHE A 126 12.48 8.76 -6.32
CA PHE A 126 12.14 8.30 -4.97
C PHE A 126 10.98 9.09 -4.39
N HIS A 127 10.42 8.60 -3.28
CA HIS A 127 9.37 9.31 -2.54
C HIS A 127 10.01 10.24 -1.51
N LYS A 128 9.73 11.54 -1.62
CA LYS A 128 10.39 12.55 -0.78
C LYS A 128 10.03 12.45 0.70
N GLU A 129 8.84 11.92 0.97
CA GLU A 129 8.38 11.65 2.33
C GLU A 129 8.74 10.27 2.90
N GLY A 130 9.45 9.46 2.12
CA GLY A 130 9.96 8.16 2.61
C GLY A 130 9.04 6.97 2.40
N ALA A 131 7.87 7.21 1.82
CA ALA A 131 6.92 6.16 1.54
C ALA A 131 7.43 5.26 0.41
N PHE A 132 6.65 4.21 0.10
CA PHE A 132 6.99 3.28 -0.98
C PHE A 132 6.02 3.41 -2.15
N PHE A 133 6.48 2.93 -3.30
CA PHE A 133 5.63 2.74 -4.45
C PHE A 133 5.19 1.27 -4.45
N LEU A 134 3.89 1.06 -4.36
CA LEU A 134 3.32 -0.27 -4.23
C LEU A 134 2.96 -0.78 -5.59
N TYR A 135 3.53 -1.94 -5.93
CA TYR A 135 3.23 -2.63 -7.17
C TYR A 135 2.50 -3.92 -6.78
N ASP A 136 2.42 -4.91 -7.67
CA ASP A 136 1.75 -6.17 -7.34
C ASP A 136 2.54 -6.99 -6.31
N ARG A 137 2.19 -6.80 -5.03
CA ARG A 137 2.84 -7.49 -3.91
C ARG A 137 4.36 -7.26 -3.79
N LEU A 138 4.84 -6.16 -4.39
CA LEU A 138 6.24 -5.74 -4.26
C LEU A 138 6.23 -4.23 -4.06
N ALA A 139 6.92 -3.77 -3.03
CA ALA A 139 7.06 -2.36 -2.73
C ALA A 139 8.47 -1.95 -3.13
N SER A 140 8.59 -0.91 -3.95
CA SER A 140 9.88 -0.40 -4.33
C SER A 140 10.08 0.98 -3.76
N THR A 141 11.35 1.31 -3.53
CA THR A 141 11.75 2.66 -3.17
C THR A 141 11.74 3.60 -4.38
N VAL A 142 11.57 3.08 -5.59
CA VAL A 142 11.59 3.87 -6.83
C VAL A 142 10.42 3.61 -7.79
N ILE A 143 10.28 4.51 -8.76
CA ILE A 143 9.20 4.46 -9.74
C ILE A 143 9.72 3.78 -11.01
N TYR A 144 8.97 2.79 -11.49
CA TYR A 144 9.26 2.12 -12.77
C TYR A 144 8.45 2.71 -13.93
N ARG A 145 9.04 2.67 -15.11
CA ARG A 145 8.43 3.24 -16.30
C ARG A 145 7.16 2.48 -16.62
N GLY A 146 6.09 3.23 -16.87
CA GLY A 146 4.87 2.67 -17.45
C GLY A 146 4.20 1.57 -16.64
N THR A 147 4.42 1.58 -15.33
CA THR A 147 3.94 0.53 -14.43
C THR A 147 3.11 1.20 -13.34
N THR A 148 1.89 0.70 -13.16
CA THR A 148 0.92 1.34 -12.29
C THR A 148 1.27 1.11 -10.81
N PHE A 149 1.14 2.16 -10.00
CA PHE A 149 1.47 2.08 -8.60
C PHE A 149 0.59 2.95 -7.72
N ALA A 150 0.49 2.54 -6.46
CA ALA A 150 -0.14 3.32 -5.40
C ALA A 150 0.95 3.70 -4.41
N GLU A 151 0.91 4.93 -3.90
CA GLU A 151 1.84 5.34 -2.84
C GLU A 151 1.34 4.68 -1.57
N GLY A 152 2.28 4.23 -0.73
CA GLY A 152 1.88 3.53 0.49
C GLY A 152 3.01 3.14 1.40
N VAL A 153 2.65 2.39 2.44
CA VAL A 153 3.59 1.97 3.48
C VAL A 153 3.25 0.55 3.91
N VAL A 154 4.18 -0.09 4.61
CA VAL A 154 4.06 -1.51 4.95
C VAL A 154 4.07 -1.74 6.46
N ALA A 155 3.19 -2.64 6.89
CA ALA A 155 3.08 -3.06 8.27
C ALA A 155 3.31 -4.57 8.36
N PHE A 156 3.83 -5.01 9.50
CA PHE A 156 3.97 -6.43 9.82
C PHE A 156 3.18 -6.74 11.09
N LEU A 157 2.46 -7.86 11.07
CA LEU A 157 1.56 -8.26 12.14
C LEU A 157 1.75 -9.71 12.53
N ILE A 158 1.49 -10.01 13.79
CA ILE A 158 1.21 -11.35 14.26
C ILE A 158 -0.31 -11.36 14.49
N LEU A 159 -1.04 -12.01 13.59
CA LEU A 159 -2.48 -12.19 13.77
C LEU A 159 -2.74 -13.25 14.84
N PRO A 160 -3.92 -13.24 15.48
CA PRO A 160 -4.24 -14.36 16.38
C PRO A 160 -4.53 -15.66 15.62
N GLN A 161 -4.58 -16.77 16.33
CA GLN A 161 -4.83 -18.07 15.72
C GLN A 161 -6.22 -18.21 15.07
N ALA A 162 -7.25 -17.61 15.67
CA ALA A 162 -8.66 -17.78 15.23
C ALA A 162 -9.37 -16.48 14.82
N LYS A 163 -10.03 -15.78 15.76
CA LYS A 163 -10.89 -14.61 15.48
C LYS A 163 -10.37 -13.37 16.23
N LYS A 164 -10.26 -12.26 15.50
CA LYS A 164 -9.43 -11.12 15.91
C LYS A 164 -10.16 -9.84 16.40
N ASP A 165 -11.41 -9.96 16.87
CA ASP A 165 -12.15 -8.78 17.41
C ASP A 165 -13.36 -9.10 18.31
N PHE A 166 -13.77 -8.10 19.09
CA PHE A 166 -14.97 -8.16 19.93
C PHE A 166 -16.20 -7.83 19.10
N PHE A 167 -17.38 -8.25 19.57
CA PHE A 167 -18.65 -7.94 18.87
C PHE A 167 -19.86 -8.20 19.75
N SER A 184 -19.75 -6.01 -5.40
CA SER A 184 -19.16 -4.97 -6.24
C SER A 184 -17.91 -5.51 -6.96
N GLY A 185 -17.99 -5.59 -8.28
CA GLY A 185 -16.87 -6.02 -9.12
C GLY A 185 -15.79 -4.96 -9.22
N TYR A 186 -14.78 -5.25 -10.04
CA TYR A 186 -13.62 -4.38 -10.18
C TYR A 186 -13.67 -3.62 -11.50
N TYR A 187 -13.78 -2.29 -11.40
CA TYR A 187 -13.77 -1.39 -12.57
C TYR A 187 -12.58 -0.43 -12.42
N SER A 188 -11.76 -0.34 -13.47
CA SER A 188 -10.63 0.58 -13.50
C SER A 188 -10.79 1.50 -14.71
N THR A 189 -10.56 2.79 -14.52
CA THR A 189 -10.70 3.81 -15.57
C THR A 189 -9.38 4.57 -15.69
N THR A 190 -8.84 4.61 -16.90
CA THR A 190 -7.57 5.28 -17.14
C THR A 190 -7.83 6.74 -17.48
N ILE A 191 -7.02 7.62 -16.93
CA ILE A 191 -7.18 9.06 -17.12
C ILE A 191 -5.81 9.57 -17.55
N ARG A 192 -5.75 10.09 -18.77
CA ARG A 192 -4.49 10.46 -19.41
C ARG A 192 -4.16 11.94 -19.21
N TYR A 193 -2.88 12.22 -19.00
CA TYR A 193 -2.38 13.58 -18.80
C TYR A 193 -1.10 13.82 -19.61
N GLN A 194 -0.95 15.03 -20.12
CA GLN A 194 0.32 15.50 -20.72
C GLN A 194 1.01 16.35 -19.66
N ALA A 195 2.33 16.28 -19.60
CA ALA A 195 3.09 17.07 -18.64
C ALA A 195 4.32 17.70 -19.28
N THR A 196 4.66 18.90 -18.83
CA THR A 196 5.94 19.54 -19.15
C THR A 196 6.57 20.04 -17.87
N GLY A 197 7.89 20.02 -17.80
CA GLY A 197 8.64 20.44 -16.62
C GLY A 197 8.34 19.56 -15.43
N PHE A 198 8.33 18.25 -15.65
CA PHE A 198 7.99 17.26 -14.64
C PHE A 198 9.06 17.22 -13.54
N GLY A 199 8.61 17.22 -12.29
CA GLY A 199 9.50 17.18 -11.13
C GLY A 199 10.32 18.44 -10.93
N THR A 200 9.73 19.60 -11.27
CA THR A 200 10.33 20.91 -11.02
C THR A 200 9.30 21.82 -10.36
N ASN A 201 9.74 23.02 -9.97
CA ASN A 201 8.84 24.05 -9.43
C ASN A 201 7.79 24.53 -10.44
N GLU A 202 8.15 24.64 -11.72
CA GLU A 202 7.22 25.05 -12.79
C GLU A 202 6.78 23.87 -13.66
N THR A 203 6.07 22.92 -13.07
CA THR A 203 5.44 21.82 -13.82
C THR A 203 4.09 22.26 -14.34
N GLU A 204 3.76 21.87 -15.57
CA GLU A 204 2.48 22.17 -16.19
C GLU A 204 1.81 20.86 -16.59
N TYR A 205 0.50 20.77 -16.34
CA TYR A 205 -0.28 19.55 -16.61
C TYR A 205 -1.49 19.83 -17.49
N LEU A 206 -1.76 18.94 -18.43
CA LEU A 206 -2.96 19.01 -19.26
C LEU A 206 -3.70 17.69 -19.21
N PHE A 207 -4.98 17.73 -18.88
CA PHE A 207 -5.85 16.56 -18.98
C PHE A 207 -6.22 16.31 -20.46
N GLU A 208 -6.06 15.07 -20.91
CA GLU A 208 -6.25 14.69 -22.32
C GLU A 208 -7.67 14.16 -22.60
N VAL A 209 -8.36 14.79 -23.55
CA VAL A 209 -9.71 14.38 -23.98
C VAL A 209 -9.62 13.51 -25.24
N ASP A 210 -8.88 14.01 -26.22
CA ASP A 210 -8.35 13.18 -27.33
C ASP A 210 -6.94 13.72 -27.69
N ASN A 211 -6.34 13.21 -28.76
CA ASN A 211 -4.98 13.62 -29.13
C ASN A 211 -4.82 15.11 -29.49
N LEU A 212 -5.92 15.79 -29.82
CA LEU A 212 -5.90 17.23 -30.11
C LEU A 212 -6.65 18.12 -29.11
N THR A 213 -7.36 17.54 -28.15
CA THR A 213 -8.21 18.30 -27.23
C THR A 213 -7.78 18.08 -25.77
N TYR A 214 -7.50 19.17 -25.07
CA TYR A 214 -6.95 19.13 -23.72
C TYR A 214 -7.62 20.12 -22.78
N VAL A 215 -7.46 19.91 -21.47
CA VAL A 215 -7.94 20.83 -20.44
C VAL A 215 -6.78 21.16 -19.51
N GLN A 216 -6.59 22.45 -19.22
CA GLN A 216 -5.58 22.87 -18.24
C GLN A 216 -5.94 22.30 -16.87
N LEU A 217 -5.04 21.50 -16.31
CA LEU A 217 -5.33 20.80 -15.06
C LEU A 217 -5.11 21.71 -13.86
N GLU A 218 -5.91 21.47 -12.82
CA GLU A 218 -5.76 22.15 -11.54
C GLU A 218 -5.93 21.11 -10.42
N SER A 219 -5.40 21.44 -9.24
CA SER A 219 -5.41 20.54 -8.10
C SER A 219 -6.82 20.20 -7.61
N ARG A 220 -7.72 21.16 -7.70
CA ARG A 220 -9.10 20.96 -7.25
C ARG A 220 -9.95 20.02 -8.12
N PHE A 221 -9.47 19.65 -9.32
CA PHE A 221 -10.22 18.74 -10.18
C PHE A 221 -10.11 17.30 -9.69
N THR A 222 -11.26 16.72 -9.34
CA THR A 222 -11.35 15.34 -8.90
C THR A 222 -11.44 14.42 -10.12
N PRO A 223 -11.18 13.11 -9.94
CA PRO A 223 -11.36 12.16 -11.06
C PRO A 223 -12.76 12.17 -11.69
N GLN A 224 -13.80 12.27 -10.87
CA GLN A 224 -15.19 12.20 -11.33
C GLN A 224 -15.55 13.47 -12.10
N PHE A 225 -14.97 14.60 -11.71
CA PHE A 225 -15.15 15.84 -12.45
C PHE A 225 -14.50 15.76 -13.82
N LEU A 226 -13.32 15.15 -13.91
CA LEU A 226 -12.61 15.01 -15.18
C LEU A 226 -13.40 14.10 -16.13
N LEU A 227 -13.90 12.97 -15.64
CA LEU A 227 -14.71 12.07 -16.46
C LEU A 227 -16.03 12.71 -16.90
N GLN A 228 -16.63 13.52 -16.03
CA GLN A 228 -17.84 14.29 -16.37
C GLN A 228 -17.56 15.39 -17.40
N LEU A 229 -16.47 16.11 -17.23
CA LEU A 229 -16.05 17.13 -18.19
C LEU A 229 -15.76 16.50 -19.56
N ASN A 230 -15.02 15.40 -19.56
CA ASN A 230 -14.75 14.62 -20.77
C ASN A 230 -16.05 14.20 -21.47
N GLU A 231 -16.94 13.59 -20.71
CA GLU A 231 -18.28 13.19 -21.19
C GLU A 231 -19.04 14.35 -21.84
N THR A 232 -18.98 15.52 -21.21
CA THR A 232 -19.64 16.73 -21.72
C THR A 232 -19.01 17.22 -23.03
N ILE A 233 -17.67 17.19 -23.11
CA ILE A 233 -16.96 17.65 -24.30
C ILE A 233 -17.31 16.81 -25.53
N TYR A 234 -17.26 15.49 -25.39
CA TYR A 234 -17.66 14.59 -26.47
C TYR A 234 -19.14 14.75 -26.89
N THR A 235 -20.05 14.88 -25.92
CA THR A 235 -21.50 14.99 -26.18
C THR A 235 -22.02 16.42 -26.39
N SER A 236 -21.17 17.44 -26.19
CA SER A 236 -21.48 18.81 -26.60
C SER A 236 -20.76 19.19 -27.91
N GLY A 237 -19.90 18.30 -28.42
CA GLY A 237 -19.12 18.56 -29.61
C GLY A 237 -18.18 19.74 -29.43
N LYS A 238 -17.30 19.66 -28.44
CA LYS A 238 -16.34 20.73 -28.13
C LYS A 238 -14.91 20.24 -28.28
N ARG A 239 -14.72 19.24 -29.15
CA ARG A 239 -13.41 18.71 -29.45
C ARG A 239 -12.82 19.51 -30.60
N SER A 240 -11.49 19.50 -30.70
CA SER A 240 -10.81 20.14 -31.83
C SER A 240 -11.29 19.51 -33.13
N ASN A 241 -11.91 20.33 -33.97
CA ASN A 241 -12.29 19.91 -35.33
C ASN A 241 -11.40 20.62 -36.36
N THR A 242 -10.09 20.54 -36.11
CA THR A 242 -9.05 20.96 -37.04
C THR A 242 -7.89 19.98 -36.89
N THR A 243 -6.78 20.27 -37.58
CA THR A 243 -5.50 19.57 -37.39
C THR A 243 -4.79 20.00 -36.09
N GLY A 244 -5.15 21.16 -35.55
CA GLY A 244 -4.44 21.79 -34.44
C GLY A 244 -4.88 21.45 -33.01
N LYS A 245 -4.05 21.88 -32.07
CA LYS A 245 -4.21 21.57 -30.66
C LYS A 245 -5.16 22.58 -30.01
N LEU A 246 -6.14 22.07 -29.25
CA LEU A 246 -7.13 22.89 -28.54
C LEU A 246 -7.04 22.65 -27.03
N ILE A 247 -6.73 23.70 -26.28
CA ILE A 247 -6.56 23.63 -24.84
C ILE A 247 -7.66 24.46 -24.16
N TRP A 248 -8.64 23.78 -23.58
CA TRP A 248 -9.68 24.44 -22.77
C TRP A 248 -9.14 24.82 -21.40
N LYS A 249 -9.68 25.90 -20.85
CA LYS A 249 -9.47 26.27 -19.46
C LYS A 249 -10.84 26.42 -18.81
N VAL A 250 -10.94 25.94 -17.56
CA VAL A 250 -12.12 26.12 -16.72
C VAL A 250 -11.79 27.29 -15.81
N ASN A 251 -12.59 28.36 -15.87
CA ASN A 251 -12.32 29.55 -15.05
C ASN A 251 -12.65 29.28 -13.56
N PRO A 252 -12.03 30.03 -12.62
CA PRO A 252 -12.13 29.74 -11.17
C PRO A 252 -13.55 29.52 -10.58
N GLU A 253 -14.57 30.11 -11.20
CA GLU A 253 -15.93 30.12 -10.66
C GLU A 253 -16.71 28.79 -10.74
N ILE A 254 -16.19 27.79 -11.47
CA ILE A 254 -16.83 26.47 -11.57
C ILE A 254 -16.22 25.51 -10.54
N ASP A 255 -16.97 25.18 -9.49
CA ASP A 255 -16.48 24.21 -8.47
C ASP A 255 -16.59 22.78 -8.99
N THR A 256 -15.80 21.88 -8.39
CA THR A 256 -15.74 20.46 -8.78
C THR A 256 -16.19 19.51 -7.66
N THR A 257 -15.75 19.77 -6.42
CA THR A 257 -16.28 19.08 -5.23
C THR A 257 -16.06 19.96 -3.99
N GLU A 260 -13.13 19.62 0.16
CA GLU A 260 -12.06 19.12 1.02
C GLU A 260 -12.50 17.91 1.86
N TRP A 261 -13.19 16.98 1.21
CA TRP A 261 -13.64 15.72 1.82
C TRP A 261 -12.91 14.55 1.15
N ALA A 262 -12.63 13.50 1.92
CA ALA A 262 -12.00 12.29 1.39
C ALA A 262 -12.99 11.46 0.57
N PHE A 263 -12.46 10.58 -0.29
CA PHE A 263 -13.26 9.79 -1.23
C PHE A 263 -14.27 8.79 -0.61
N TRP A 264 -13.89 8.20 0.52
CA TRP A 264 -14.69 7.19 1.23
C TRP A 264 -15.87 7.76 2.06
N GLU A 265 -15.97 9.08 2.14
CA GLU A 265 -17.06 9.80 2.84
C GLU A 265 -17.94 10.64 1.88
N THR A 266 -17.40 11.01 0.71
CA THR A 266 -18.20 11.50 -0.43
C THR A 266 -18.73 10.32 -1.25
N LEU A 279 -23.48 25.42 -18.10
CA LEU A 279 -22.08 25.26 -18.51
C LEU A 279 -21.92 25.50 -20.02
N SER A 280 -21.22 26.58 -20.38
CA SER A 280 -21.02 26.99 -21.79
C SER A 280 -19.54 27.02 -22.18
N PHE A 281 -19.29 26.92 -23.49
CA PHE A 281 -17.94 26.85 -24.06
C PHE A 281 -17.75 27.92 -25.13
N THR A 282 -16.66 28.70 -25.05
CA THR A 282 -16.32 29.70 -26.06
C THR A 282 -14.82 29.79 -26.32
N VAL A 283 -14.46 30.16 -27.55
CA VAL A 283 -13.06 30.19 -28.02
C VAL A 283 -12.52 31.63 -27.87
N VAL A 284 -11.19 31.76 -27.74
CA VAL A 284 -10.54 33.07 -27.57
C VAL A 284 -9.97 33.54 -28.91
N UNK A 324 -1.67 25.92 -31.94
CA UNK A 324 -2.41 25.90 -30.69
C UNK A 324 -3.67 26.75 -30.75
N UNK A 325 -4.52 26.62 -29.74
CA UNK A 325 -5.76 27.40 -29.63
C UNK A 325 -6.32 27.35 -28.21
N UNK A 326 -6.11 28.43 -27.44
CA UNK A 326 -6.64 28.54 -26.07
C UNK A 326 -8.14 28.80 -26.09
N UNK A 327 -8.81 28.49 -24.98
CA UNK A 327 -10.27 28.67 -24.87
C UNK A 327 -10.75 28.64 -23.41
N UNK A 328 -11.99 29.11 -23.20
CA UNK A 328 -12.57 29.24 -21.86
C UNK A 328 -13.93 28.53 -21.77
N UNK A 329 -14.14 27.80 -20.67
CA UNK A 329 -15.40 27.11 -20.37
C UNK A 329 -16.07 27.78 -19.17
N UNK A 330 -17.09 28.59 -19.43
CA UNK A 330 -17.76 29.41 -18.40
C UNK A 330 -19.22 29.01 -18.24
N GLU B 1 4.92 -0.48 23.17
CA GLU B 1 4.24 0.83 22.95
C GLU B 1 2.74 0.63 22.65
N ALA B 2 2.02 1.74 22.46
CA ALA B 2 0.64 1.74 21.96
C ALA B 2 0.58 2.49 20.63
N ILE B 3 -0.52 2.31 19.89
CA ILE B 3 -0.66 2.91 18.54
C ILE B 3 -1.52 4.16 18.61
N VAL B 4 -0.89 5.31 18.44
CA VAL B 4 -1.58 6.60 18.44
C VAL B 4 -1.74 7.09 17.00
N ASN B 5 -2.92 6.90 16.40
CA ASN B 5 -3.16 7.43 15.05
C ASN B 5 -3.05 8.95 15.05
N ALA B 6 -2.08 9.46 14.29
CA ALA B 6 -1.78 10.88 14.22
C ALA B 6 -1.76 11.36 12.76
N GLN B 7 -2.61 10.76 11.93
CA GLN B 7 -2.71 11.14 10.53
C GLN B 7 -3.83 12.17 10.35
N PRO B 8 -3.75 12.99 9.28
CA PRO B 8 -4.83 13.94 9.02
C PRO B 8 -6.21 13.28 8.99
N LYS B 9 -6.30 12.11 8.36
CA LYS B 9 -7.54 11.34 8.27
C LYS B 9 -7.32 9.84 8.46
N CYS B 10 -8.43 9.13 8.63
CA CYS B 10 -8.44 7.67 8.68
C CYS B 10 -9.65 7.14 7.93
N ASN B 11 -9.39 6.39 6.86
CA ASN B 11 -10.43 5.57 6.26
C ASN B 11 -10.66 4.39 7.21
N PRO B 12 -11.82 4.38 7.91
CA PRO B 12 -12.02 3.33 8.92
C PRO B 12 -12.22 1.92 8.34
N ASN B 13 -12.48 1.82 7.03
CA ASN B 13 -12.67 0.54 6.36
C ASN B 13 -11.47 0.16 5.52
N LEU B 14 -11.16 -1.13 5.57
CA LEU B 14 -10.08 -1.73 4.80
C LEU B 14 -10.69 -2.69 3.80
N HIS B 15 -10.88 -2.20 2.59
CA HIS B 15 -11.30 -3.00 1.45
C HIS B 15 -10.01 -3.57 0.88
N TYR B 16 -9.76 -4.86 1.16
CA TYR B 16 -8.45 -5.43 0.90
C TYR B 16 -8.45 -6.45 -0.24
N TRP B 17 -7.25 -6.69 -0.77
CA TRP B 17 -7.01 -7.75 -1.73
C TRP B 17 -5.86 -8.58 -1.23
N THR B 18 -5.87 -9.87 -1.58
CA THR B 18 -4.76 -10.76 -1.27
C THR B 18 -4.87 -12.01 -2.13
N THR B 19 -3.84 -12.85 -2.09
CA THR B 19 -3.87 -14.15 -2.73
C THR B 19 -4.24 -15.19 -1.69
N GLN B 20 -4.78 -16.30 -2.16
CA GLN B 20 -5.02 -17.47 -1.32
C GLN B 20 -3.92 -18.49 -1.66
N ASP B 21 -3.29 -19.05 -0.63
CA ASP B 21 -2.15 -19.97 -0.81
C ASP B 21 -2.59 -21.37 -1.29
N GLU B 22 -3.87 -21.70 -1.09
CA GLU B 22 -4.45 -22.96 -1.56
C GLU B 22 -5.90 -22.73 -2.01
N GLY B 23 -6.04 -21.95 -3.09
CA GLY B 23 -7.35 -21.50 -3.57
C GLY B 23 -7.64 -21.68 -5.05
N ALA B 24 -7.79 -22.94 -5.48
CA ALA B 24 -8.42 -23.29 -6.76
C ALA B 24 -8.59 -24.82 -6.85
N ALA B 25 -9.33 -25.37 -5.90
CA ALA B 25 -9.62 -26.81 -5.85
C ALA B 25 -10.59 -27.30 -6.94
N ILE B 26 -11.25 -26.38 -7.65
CA ILE B 26 -12.30 -26.74 -8.61
C ILE B 26 -11.69 -27.25 -9.93
N GLY B 27 -11.66 -28.57 -10.08
CA GLY B 27 -11.29 -29.21 -11.35
C GLY B 27 -9.84 -29.04 -11.75
N LEU B 28 -9.62 -28.42 -12.91
CA LEU B 28 -8.28 -28.20 -13.47
C LEU B 28 -7.68 -26.79 -13.21
N ALA B 29 -8.36 -25.97 -12.40
CA ALA B 29 -7.95 -24.56 -12.20
C ALA B 29 -6.58 -24.36 -11.54
N TRP B 30 -6.11 -25.37 -10.79
CA TRP B 30 -4.77 -25.32 -10.16
C TRP B 30 -3.61 -25.43 -11.15
N ILE B 31 -3.85 -26.12 -12.27
CA ILE B 31 -2.86 -26.27 -13.34
C ILE B 31 -2.65 -24.89 -14.00
N PRO B 32 -1.40 -24.38 -14.02
CA PRO B 32 -1.13 -23.05 -14.59
C PRO B 32 -1.63 -22.83 -16.02
N TYR B 33 -1.49 -23.85 -16.87
CA TYR B 33 -2.00 -23.80 -18.24
C TYR B 33 -3.50 -23.47 -18.32
N PHE B 34 -4.27 -24.02 -17.38
CA PHE B 34 -5.72 -23.82 -17.36
C PHE B 34 -6.19 -22.72 -16.42
N GLY B 35 -5.41 -22.42 -15.38
CA GLY B 35 -5.83 -21.52 -14.31
C GLY B 35 -5.93 -20.05 -14.68
N PRO B 36 -6.19 -19.20 -13.67
CA PRO B 36 -6.35 -17.79 -13.95
C PRO B 36 -5.04 -17.13 -14.37
N ALA B 37 -5.15 -16.04 -15.12
CA ALA B 37 -4.00 -15.20 -15.43
C ALA B 37 -3.65 -14.37 -14.19
N ALA B 38 -2.50 -13.72 -14.25
CA ALA B 38 -2.03 -12.82 -13.16
C ALA B 38 -3.12 -11.92 -12.57
N GLU B 39 -4.04 -11.45 -13.40
CA GLU B 39 -5.07 -10.50 -12.97
C GLU B 39 -6.18 -11.13 -12.12
N GLY B 40 -6.37 -12.45 -12.21
CA GLY B 40 -7.48 -13.14 -11.57
C GLY B 40 -7.13 -14.13 -10.48
N ILE B 41 -6.09 -13.83 -9.70
CA ILE B 41 -5.67 -14.71 -8.59
C ILE B 41 -6.00 -14.11 -7.23
N TYR B 42 -6.66 -12.95 -7.22
CA TYR B 42 -6.90 -12.22 -5.98
C TYR B 42 -8.24 -12.56 -5.36
N ILE B 43 -8.26 -12.59 -4.03
CA ILE B 43 -9.50 -12.60 -3.28
C ILE B 43 -9.65 -11.22 -2.66
N GLU B 44 -10.89 -10.84 -2.38
CA GLU B 44 -11.18 -9.56 -1.75
C GLU B 44 -11.91 -9.76 -0.44
N GLY B 45 -11.79 -8.77 0.43
CA GLY B 45 -12.58 -8.70 1.65
C GLY B 45 -12.70 -7.29 2.14
N LEU B 46 -13.60 -7.10 3.08
CA LEU B 46 -13.86 -5.82 3.70
C LEU B 46 -13.76 -6.00 5.19
N MET B 47 -13.06 -5.07 5.85
CA MET B 47 -12.83 -5.14 7.28
C MET B 47 -13.11 -3.79 7.90
N HIS B 48 -13.98 -3.77 8.90
CA HIS B 48 -14.38 -2.53 9.56
C HIS B 48 -13.50 -2.27 10.79
N ASN B 49 -13.68 -1.10 11.39
CA ASN B 49 -12.77 -0.60 12.43
C ASN B 49 -13.15 -1.03 13.85
N GLN B 50 -13.60 -2.28 14.02
CA GLN B 50 -13.78 -2.86 15.35
C GLN B 50 -12.46 -2.81 16.09
N ASP B 51 -12.52 -2.44 17.37
CA ASP B 51 -11.34 -2.32 18.25
C ASP B 51 -10.28 -1.34 17.72
N GLY B 52 -10.72 -0.40 16.88
CA GLY B 52 -9.84 0.56 16.23
C GLY B 52 -8.69 0.00 15.43
N LEU B 53 -8.84 -1.24 14.96
CA LEU B 53 -7.72 -2.00 14.37
C LEU B 53 -7.29 -1.48 13.00
N ILE B 54 -8.23 -0.99 12.21
CA ILE B 54 -7.90 -0.43 10.90
C ILE B 54 -7.16 0.88 11.07
N CYS B 55 -7.69 1.80 11.88
CA CYS B 55 -6.99 3.07 12.14
C CYS B 55 -5.63 2.84 12.81
N GLY B 56 -5.54 1.83 13.66
CA GLY B 56 -4.26 1.41 14.24
C GLY B 56 -3.29 0.89 13.20
N LEU B 57 -3.77 0.00 12.33
CA LEU B 57 -2.96 -0.57 11.26
C LEU B 57 -2.34 0.51 10.37
N ARG B 58 -3.13 1.51 9.99
CA ARG B 58 -2.65 2.62 9.16
C ARG B 58 -1.49 3.34 9.84
N GLN B 59 -1.65 3.61 11.13
CA GLN B 59 -0.59 4.26 11.90
C GLN B 59 0.62 3.36 12.05
N LEU B 60 0.39 2.06 12.29
CA LEU B 60 1.48 1.09 12.41
C LEU B 60 2.34 1.05 11.15
N ALA B 61 1.70 0.97 9.98
CA ALA B 61 2.41 0.98 8.68
C ALA B 61 3.24 2.26 8.46
N ASN B 62 2.66 3.40 8.83
CA ASN B 62 3.36 4.68 8.78
C ASN B 62 4.63 4.63 9.63
N GLU B 63 4.48 4.22 10.90
CA GLU B 63 5.59 4.16 11.86
C GLU B 63 6.65 3.09 11.57
N THR B 64 6.27 2.06 10.81
CA THR B 64 7.19 0.99 10.42
C THR B 64 8.21 1.46 9.38
N THR B 65 7.87 2.51 8.64
CA THR B 65 8.63 2.92 7.48
C THR B 65 10.08 3.28 7.74
N GLN B 66 10.35 4.02 8.80
CA GLN B 66 11.73 4.42 9.06
C GLN B 66 12.63 3.19 9.26
N ALA B 67 12.23 2.30 10.15
CA ALA B 67 12.97 1.07 10.43
C ALA B 67 13.15 0.24 9.18
N LEU B 68 12.06 0.11 8.42
CA LEU B 68 12.07 -0.71 7.20
C LEU B 68 13.04 -0.14 6.17
N GLN B 69 12.96 1.17 5.95
CA GLN B 69 13.87 1.84 5.01
C GLN B 69 15.33 1.63 5.41
N LEU B 70 15.64 1.81 6.68
CA LEU B 70 17.01 1.64 7.17
C LEU B 70 17.51 0.21 7.03
N PHE B 71 16.62 -0.75 7.22
CA PHE B 71 16.93 -2.15 6.95
C PHE B 71 17.23 -2.39 5.46
N LEU B 72 16.44 -1.77 4.59
CA LEU B 72 16.66 -1.88 3.14
C LEU B 72 17.95 -1.20 2.65
N ARG B 73 18.31 -0.07 3.26
CA ARG B 73 19.61 0.57 3.01
C ARG B 73 20.78 -0.39 3.30
N ALA B 74 20.65 -1.14 4.40
CA ALA B 74 21.72 -2.00 4.88
C ALA B 74 21.81 -3.35 4.17
N THR B 75 20.76 -3.80 3.50
CA THR B 75 20.80 -5.11 2.82
C THR B 75 21.31 -4.99 1.39
N THR B 76 22.03 -6.01 0.93
CA THR B 76 22.48 -6.12 -0.45
C THR B 76 21.53 -6.96 -1.32
N GLU B 77 20.59 -7.69 -0.70
CA GLU B 77 19.50 -8.33 -1.46
C GLU B 77 18.71 -7.28 -2.22
N LEU B 78 18.41 -7.59 -3.47
CA LEU B 78 17.70 -6.66 -4.34
C LEU B 78 16.21 -6.70 -4.01
N ARG B 79 15.70 -7.90 -3.78
CA ARG B 79 14.32 -8.11 -3.33
C ARG B 79 14.36 -8.89 -2.02
N THR B 80 13.76 -8.32 -0.98
CA THR B 80 13.77 -8.91 0.35
C THR B 80 12.44 -9.62 0.60
N PHE B 81 12.52 -10.94 0.84
CA PHE B 81 11.36 -11.80 1.14
C PHE B 81 11.41 -12.44 2.52
N SER B 82 12.42 -12.16 3.32
CA SER B 82 12.75 -12.95 4.50
C SER B 82 12.41 -12.29 5.84
N ILE B 83 11.71 -11.16 5.82
CA ILE B 83 11.47 -10.39 7.04
C ILE B 83 10.61 -11.18 8.03
N LEU B 84 9.49 -11.74 7.57
CA LEU B 84 8.60 -12.49 8.48
C LEU B 84 9.20 -13.81 8.96
N ASN B 85 9.90 -14.54 8.09
CA ASN B 85 10.62 -15.75 8.51
C ASN B 85 11.68 -15.44 9.57
N ARG B 86 12.38 -14.32 9.41
CA ARG B 86 13.38 -13.91 10.38
C ARG B 86 12.73 -13.49 11.72
N LYS B 87 11.53 -12.90 11.67
CA LYS B 87 10.76 -12.64 12.90
C LYS B 87 10.39 -13.97 13.59
N ALA B 88 9.96 -14.95 12.80
CA ALA B 88 9.63 -16.28 13.33
C ALA B 88 10.81 -16.91 14.06
N ILE B 89 11.99 -16.85 13.46
CA ILE B 89 13.21 -17.38 14.07
C ILE B 89 13.53 -16.64 15.39
N ASP B 90 13.48 -15.31 15.34
CA ASP B 90 13.77 -14.49 16.52
C ASP B 90 12.75 -14.66 17.66
N PHE B 91 11.50 -14.99 17.32
CA PHE B 91 10.50 -15.37 18.30
C PHE B 91 10.98 -16.62 19.04
N LEU B 92 11.33 -17.65 18.28
CA LEU B 92 11.81 -18.90 18.84
C LEU B 92 13.10 -18.72 19.64
N LEU B 93 14.04 -17.90 19.14
CA LEU B 93 15.31 -17.70 19.84
C LEU B 93 15.14 -16.96 21.16
N GLN B 94 14.20 -16.03 21.23
CA GLN B 94 13.90 -15.33 22.48
C GLN B 94 13.47 -16.26 23.58
N ARG B 95 12.55 -17.16 23.24
CA ARG B 95 12.01 -18.10 24.20
C ARG B 95 12.96 -19.24 24.46
N TRP B 96 13.53 -19.81 23.40
CA TRP B 96 14.23 -21.10 23.50
C TRP B 96 15.73 -21.07 23.19
N GLY B 97 16.29 -19.87 23.09
CA GLY B 97 17.70 -19.71 22.71
C GLY B 97 18.73 -20.04 23.78
N GLY B 98 18.30 -20.04 25.05
CA GLY B 98 19.16 -20.42 26.17
C GLY B 98 18.62 -21.65 26.87
N THR B 99 19.07 -21.83 28.10
CA THR B 99 18.49 -22.82 29.01
C THR B 99 17.19 -22.23 29.58
N CYS B 100 16.15 -23.05 29.60
CA CYS B 100 14.85 -22.65 30.13
C CYS B 100 14.83 -22.94 31.63
N HIS B 101 14.97 -21.90 32.45
CA HIS B 101 14.90 -22.03 33.93
C HIS B 101 13.42 -22.05 34.37
N ILE B 102 12.93 -23.21 34.81
CA ILE B 102 11.49 -23.37 35.09
C ILE B 102 11.05 -22.43 36.24
N LEU B 103 9.86 -21.87 36.09
CA LEU B 103 9.30 -20.83 36.96
C LEU B 103 9.98 -19.44 36.89
N GLY B 104 11.01 -19.28 36.06
CA GLY B 104 11.59 -17.96 35.79
C GLY B 104 10.72 -17.17 34.83
N PRO B 105 10.93 -15.85 34.76
CA PRO B 105 10.09 -14.99 33.92
C PRO B 105 10.33 -15.12 32.41
N ASP B 106 11.48 -15.67 32.00
CA ASP B 106 11.85 -15.81 30.58
C ASP B 106 11.81 -17.26 30.06
N CYS B 107 10.97 -18.10 30.69
CA CYS B 107 10.82 -19.50 30.29
C CYS B 107 9.34 -19.85 30.24
N CYS B 108 8.87 -20.30 29.08
CA CYS B 108 7.44 -20.55 28.83
C CYS B 108 7.09 -22.02 28.98
N ILE B 109 7.39 -22.58 30.15
CA ILE B 109 7.04 -23.95 30.49
C ILE B 109 6.14 -23.87 31.71
N GLU B 110 4.89 -24.33 31.56
CA GLU B 110 3.90 -24.36 32.64
C GLU B 110 3.91 -25.76 33.31
N PRO B 111 4.26 -25.83 34.62
CA PRO B 111 4.12 -27.10 35.35
C PRO B 111 2.77 -27.35 36.05
N HIS B 112 1.81 -26.41 35.95
CA HIS B 112 0.44 -26.50 36.52
C HIS B 112 -0.16 -27.90 36.71
N ASP B 113 -0.21 -28.71 35.64
CA ASP B 113 -0.69 -30.11 35.74
C ASP B 113 0.34 -31.02 36.41
N TRP B 114 1.63 -30.78 36.17
CA TRP B 114 2.70 -31.51 36.85
C TRP B 114 2.87 -31.16 38.34
N THR B 115 2.35 -30.00 38.78
CA THR B 115 2.30 -29.67 40.21
C THR B 115 1.28 -30.57 40.90
N LYS B 116 0.04 -30.51 40.41
CA LYS B 116 -1.08 -31.27 40.98
C LYS B 116 -1.07 -32.77 40.66
N ASN B 117 -0.18 -33.23 39.77
CA ASN B 117 0.07 -34.67 39.59
C ASN B 117 0.86 -35.23 40.79
N ILE B 118 1.79 -34.44 41.33
CA ILE B 118 2.63 -34.87 42.46
C ILE B 118 1.97 -34.61 43.83
N THR B 119 1.18 -33.54 43.94
CA THR B 119 0.34 -33.29 45.13
C THR B 119 -0.75 -34.36 45.28
N ASP B 120 -1.24 -34.87 44.14
CA ASP B 120 -2.16 -36.00 44.11
C ASP B 120 -1.50 -37.33 44.55
N LYS B 121 -0.23 -37.53 44.18
CA LYS B 121 0.50 -38.79 44.42
C LYS B 121 1.41 -38.84 45.67
N ILE B 122 1.49 -37.74 46.45
CA ILE B 122 1.99 -37.84 47.84
C ILE B 122 0.99 -38.59 48.73
N ASP B 123 -0.29 -38.53 48.35
CA ASP B 123 -1.36 -39.30 49.01
C ASP B 123 -1.45 -40.75 48.48
N GLN B 124 -0.33 -41.31 48.03
CA GLN B 124 -0.08 -42.74 48.03
C GLN B 124 1.30 -43.04 48.65
N ILE B 125 1.70 -42.20 49.62
CA ILE B 125 2.92 -42.42 50.42
C ILE B 125 2.79 -41.87 51.87
N ILE B 126 2.22 -40.67 52.04
CA ILE B 126 1.84 -40.15 53.37
C ILE B 126 0.42 -40.57 53.76
N HIS B 127 -0.48 -40.69 52.77
CA HIS B 127 -1.85 -41.18 52.98
C HIS B 127 -1.83 -42.70 53.17
N ASP B 128 -1.11 -43.40 52.29
CA ASP B 128 -0.86 -44.84 52.44
C ASP B 128 0.46 -45.05 53.20
N PHE B 129 0.39 -44.85 54.52
CA PHE B 129 1.50 -45.11 55.45
C PHE B 129 0.95 -46.05 56.54
N VAL B 130 0.68 -47.29 56.12
CA VAL B 130 -0.07 -48.27 56.92
C VAL B 130 0.88 -49.13 57.77
N ASP B 131 0.70 -49.08 59.09
CA ASP B 131 1.47 -49.90 60.03
C ASP B 131 0.76 -51.22 60.30
#